data_1MEH
#
_entry.id   1MEH
#
_cell.length_a   153.480
_cell.length_b   153.480
_cell.length_c   153.480
_cell.angle_alpha   90.00
_cell.angle_beta   90.00
_cell.angle_gamma   90.00
#
_symmetry.space_group_name_H-M   'P 4 3 2'
#
loop_
_entity.id
_entity.type
_entity.pdbx_description
1 polymer "INOSINE-5'-MONOPHOSPHATE DEHYDROGENASE"
2 non-polymer 'POTASSIUM ION'
3 non-polymer 'INOSINIC ACID'
4 non-polymer 'MYCOPHENOLIC ACID'
5 water water
#
_entity_poly.entity_id   1
_entity_poly.type   'polypeptide(L)'
_entity_poly.pdbx_seq_one_letter_code
;MAKYYNEPCHTFNEYLLIPGLSTVDCIPSNVNLSTPLVKFQKGQQSEINLKIPLVSAIMQSVSGEKMAIALAREGGISFI
FGSQSIESQAAMVHAVKNFKAGFVVSDSNVKPDQTFADVLAISQRTTHNTVAVTDDGTPHGVLLGLVTQRDYPIDLTQTE
TKVSDMMTPFSKLVTAHQDTKLSEANKIIWEKKLNALPIIDDDQHLRYIVFRKDYDRSQVCHNELVDSQKRYLVGAGINT
RDFRERVPALVEAGADVLCIDSSDGFSEWQKITIGWIREKYGDKVKVGAGNIVDGEGFRYLADAGADFIKIGIGGGSI
(CSO)ITREQKGIGRGQATAVIDVVAERNKYFEETGIYIPVCSDGGIVYDYHMTLALAMGADFIMLGRYFARFEESPTRK
VTINGSVMKEYWGEGSSRARNWQRYDLGGKQKLSFEEGVDSYVPYAGKLKDNVEASLNKVKSTMCNCGALTIPQLQSKAK
ITLVSSVSIVEGGAHDVIVKDRINDYHPK
;
_entity_poly.pdbx_strand_id   A
#
# COMPACT_ATOMS: atom_id res chain seq x y z
N ALA A 2 28.19 16.65 -4.40
CA ALA A 2 27.19 15.62 -4.01
C ALA A 2 26.85 15.72 -2.52
N LYS A 3 25.66 15.24 -2.16
CA LYS A 3 25.23 15.25 -0.77
C LYS A 3 25.29 13.83 -0.22
N TYR A 4 25.90 13.68 0.95
CA TYR A 4 26.04 12.38 1.60
C TYR A 4 25.23 12.37 2.91
N TYR A 5 25.12 11.20 3.53
CA TYR A 5 24.36 11.07 4.77
C TYR A 5 25.21 10.56 5.94
N ASN A 6 24.78 10.90 7.15
CA ASN A 6 25.49 10.51 8.37
C ASN A 6 25.41 9.01 8.66
N GLU A 7 24.23 8.42 8.45
CA GLU A 7 24.06 6.99 8.72
C GLU A 7 23.61 6.23 7.48
N PRO A 8 23.94 4.92 7.42
CA PRO A 8 23.55 4.08 6.28
C PRO A 8 22.08 3.73 6.44
N CYS A 9 21.41 3.37 5.34
CA CYS A 9 19.99 3.02 5.43
C CYS A 9 19.83 1.58 5.89
N HIS A 10 18.68 1.28 6.49
CA HIS A 10 18.40 -0.05 7.03
C HIS A 10 17.07 -0.63 6.54
N THR A 11 16.96 -1.96 6.62
CA THR A 11 15.75 -2.66 6.22
C THR A 11 14.96 -3.07 7.46
N PHE A 12 13.75 -3.59 7.28
CA PHE A 12 12.93 -4.00 8.42
C PHE A 12 13.55 -5.11 9.26
N ASN A 13 14.30 -6.00 8.62
CA ASN A 13 14.96 -7.11 9.33
C ASN A 13 15.94 -6.63 10.38
N GLU A 14 16.34 -5.36 10.31
CA GLU A 14 17.31 -4.83 11.26
C GLU A 14 16.68 -4.18 12.49
N TYR A 15 15.37 -4.32 12.65
CA TYR A 15 14.68 -3.73 13.79
C TYR A 15 13.81 -4.68 14.61
N LEU A 16 13.61 -4.31 15.87
CA LEU A 16 12.76 -5.06 16.79
C LEU A 16 12.10 -4.03 17.69
N LEU A 17 10.95 -4.41 18.25
CA LEU A 17 10.21 -3.54 19.16
C LEU A 17 10.48 -3.94 20.61
N ILE A 18 10.64 -2.95 21.48
CA ILE A 18 10.87 -3.20 22.89
C ILE A 18 9.51 -2.99 23.56
N PRO A 19 9.04 -3.97 24.34
CA PRO A 19 7.74 -3.86 25.01
C PRO A 19 7.53 -2.62 25.87
N GLY A 20 6.28 -2.18 25.95
CA GLY A 20 5.90 -1.03 26.76
C GLY A 20 4.95 -1.61 27.79
N LEU A 21 4.27 -0.78 28.55
CA LEU A 21 3.33 -1.30 29.55
C LEU A 21 2.06 -1.84 28.91
N SER A 22 1.77 -3.12 29.15
CA SER A 22 0.56 -3.75 28.63
C SER A 22 -0.52 -3.66 29.69
N THR A 23 -1.65 -3.05 29.35
CA THR A 23 -2.76 -2.89 30.29
C THR A 23 -3.74 -4.06 30.20
N VAL A 24 -4.48 -4.30 31.28
CA VAL A 24 -5.44 -5.39 31.31
C VAL A 24 -6.49 -5.27 30.20
N ASP A 25 -6.69 -4.05 29.70
CA ASP A 25 -7.67 -3.83 28.64
C ASP A 25 -7.16 -4.13 27.23
N CYS A 26 -5.87 -4.42 27.08
CA CYS A 26 -5.37 -4.70 25.73
C CYS A 26 -5.26 -6.16 25.38
N ILE A 27 -6.24 -6.64 24.62
CA ILE A 27 -6.24 -7.99 24.11
C ILE A 27 -6.46 -7.81 22.61
N PRO A 28 -5.92 -8.71 21.79
CA PRO A 28 -6.05 -8.63 20.33
C PRO A 28 -7.42 -8.20 19.83
N SER A 29 -8.48 -8.77 20.39
CA SER A 29 -9.84 -8.45 19.96
C SER A 29 -10.28 -7.01 20.21
N ASN A 30 -9.62 -6.31 21.13
CA ASN A 30 -9.99 -4.93 21.39
C ASN A 30 -9.14 -3.94 20.59
N VAL A 31 -8.15 -4.45 19.84
CA VAL A 31 -7.29 -3.58 19.04
C VAL A 31 -7.99 -3.13 17.76
N ASN A 32 -7.96 -1.81 17.52
CA ASN A 32 -8.60 -1.18 16.37
C ASN A 32 -7.54 -0.89 15.31
N LEU A 33 -7.66 -1.51 14.14
CA LEU A 33 -6.69 -1.29 13.07
C LEU A 33 -7.14 -0.32 11.97
N SER A 34 -8.12 0.51 12.28
CA SER A 34 -8.61 1.51 11.33
C SER A 34 -7.45 2.46 11.01
N THR A 35 -7.44 3.02 9.81
CA THR A 35 -6.37 3.93 9.43
C THR A 35 -6.79 4.80 8.24
N PRO A 36 -6.33 6.06 8.19
CA PRO A 36 -6.69 6.97 7.10
C PRO A 36 -6.00 6.66 5.77
N LEU A 37 -6.75 6.82 4.68
CA LEU A 37 -6.20 6.57 3.36
C LEU A 37 -5.86 7.87 2.63
N VAL A 38 -6.67 8.91 2.84
CA VAL A 38 -6.43 10.19 2.16
C VAL A 38 -6.30 11.38 3.11
N LYS A 39 -5.57 12.39 2.65
CA LYS A 39 -5.29 13.57 3.45
C LYS A 39 -6.51 14.31 4.00
N PHE A 40 -6.30 14.94 5.15
CA PHE A 40 -7.33 15.73 5.83
C PHE A 40 -6.63 16.80 6.67
N GLN A 41 -7.41 17.76 7.16
CA GLN A 41 -6.89 18.86 7.98
C GLN A 41 -6.91 18.48 9.45
N LYS A 42 -6.10 19.17 10.24
CA LYS A 42 -6.03 18.94 11.67
C LYS A 42 -7.44 18.96 12.28
N GLY A 43 -7.75 17.95 13.08
CA GLY A 43 -9.05 17.88 13.72
C GLY A 43 -10.10 17.13 12.93
N GLN A 44 -9.86 16.90 11.65
CA GLN A 44 -10.81 16.19 10.82
C GLN A 44 -10.51 14.69 10.82
N GLN A 45 -11.37 13.94 10.15
CA GLN A 45 -11.19 12.51 9.97
C GLN A 45 -11.00 12.37 8.47
N SER A 46 -10.28 11.33 8.04
CA SER A 46 -10.10 11.14 6.61
C SER A 46 -11.44 10.75 6.00
N GLU A 47 -11.68 11.16 4.75
CA GLU A 47 -12.92 10.81 4.06
C GLU A 47 -12.95 9.32 3.79
N ILE A 48 -11.79 8.69 3.75
CA ILE A 48 -11.72 7.25 3.51
C ILE A 48 -10.80 6.60 4.55
N ASN A 49 -11.36 5.68 5.33
CA ASN A 49 -10.59 4.98 6.34
C ASN A 49 -10.63 3.48 6.08
N LEU A 50 -9.46 2.86 6.01
CA LEU A 50 -9.39 1.42 5.81
C LEU A 50 -9.73 0.82 7.17
N LYS A 51 -10.27 -0.40 7.18
CA LYS A 51 -10.58 -1.06 8.44
C LYS A 51 -9.36 -1.87 8.89
N ILE A 52 -8.48 -2.19 7.94
CA ILE A 52 -7.22 -2.87 8.23
C ILE A 52 -6.20 -2.12 7.37
N PRO A 53 -4.97 -1.93 7.86
CA PRO A 53 -3.91 -1.21 7.15
C PRO A 53 -3.19 -1.91 6.00
N LEU A 54 -3.88 -2.79 5.28
CA LEU A 54 -3.25 -3.51 4.17
C LEU A 54 -3.90 -3.23 2.82
N VAL A 55 -3.08 -2.93 1.82
CA VAL A 55 -3.57 -2.70 0.47
C VAL A 55 -2.70 -3.55 -0.46
N SER A 56 -3.31 -4.10 -1.51
CA SER A 56 -2.57 -4.95 -2.43
C SER A 56 -1.91 -4.12 -3.53
N ALA A 57 -0.71 -4.55 -3.92
CA ALA A 57 0.11 -3.87 -4.93
C ALA A 57 -0.54 -3.67 -6.28
N ILE A 58 -0.14 -2.59 -6.96
CA ILE A 58 -0.68 -2.24 -8.27
C ILE A 58 0.07 -3.08 -9.31
N MET A 59 -0.20 -4.39 -9.28
CA MET A 59 0.48 -5.33 -10.15
C MET A 59 -0.44 -6.32 -10.87
N GLN A 60 -0.10 -6.66 -12.11
CA GLN A 60 -0.87 -7.60 -12.91
C GLN A 60 -1.02 -8.94 -12.18
N SER A 61 0.03 -9.35 -11.49
CA SER A 61 0.03 -10.63 -10.78
C SER A 61 -0.53 -10.57 -9.37
N VAL A 62 -1.18 -9.46 -9.01
CA VAL A 62 -1.72 -9.32 -7.67
C VAL A 62 -3.15 -8.79 -7.57
N SER A 63 -3.34 -7.57 -8.04
CA SER A 63 -4.64 -6.92 -7.91
C SER A 63 -5.63 -6.97 -9.08
N GLY A 64 -6.34 -8.09 -9.16
CA GLY A 64 -7.36 -8.26 -10.17
C GLY A 64 -8.69 -8.12 -9.45
N GLU A 65 -9.79 -8.34 -10.16
CA GLU A 65 -11.13 -8.20 -9.59
C GLU A 65 -11.37 -9.04 -8.33
N LYS A 66 -11.03 -10.32 -8.39
CA LYS A 66 -11.23 -11.22 -7.25
C LYS A 66 -10.44 -10.81 -6.01
N MET A 67 -9.21 -10.36 -6.20
CA MET A 67 -8.38 -9.93 -5.08
C MET A 67 -9.05 -8.72 -4.42
N ALA A 68 -9.48 -7.77 -5.25
CA ALA A 68 -10.12 -6.55 -4.79
C ALA A 68 -11.35 -6.83 -3.93
N ILE A 69 -12.14 -7.81 -4.35
CA ILE A 69 -13.35 -8.17 -3.61
C ILE A 69 -12.99 -8.85 -2.28
N ALA A 70 -12.06 -9.80 -2.34
CA ALA A 70 -11.65 -10.52 -1.14
C ALA A 70 -11.01 -9.63 -0.09
N LEU A 71 -10.15 -8.70 -0.52
CA LEU A 71 -9.48 -7.82 0.42
C LEU A 71 -10.45 -6.81 1.00
N ALA A 72 -11.31 -6.25 0.16
CA ALA A 72 -12.30 -5.27 0.64
C ALA A 72 -13.20 -5.94 1.69
N ARG A 73 -13.49 -7.21 1.49
CA ARG A 73 -14.33 -7.95 2.44
C ARG A 73 -13.70 -8.02 3.82
N GLU A 74 -12.37 -7.99 3.87
CA GLU A 74 -11.66 -8.05 5.15
C GLU A 74 -11.31 -6.66 5.69
N GLY A 75 -11.70 -5.60 4.97
CA GLY A 75 -11.43 -4.26 5.44
C GLY A 75 -10.33 -3.47 4.76
N GLY A 76 -9.64 -4.08 3.80
CA GLY A 76 -8.57 -3.40 3.10
C GLY A 76 -9.01 -2.96 1.72
N ILE A 77 -8.07 -2.52 0.89
CA ILE A 77 -8.43 -2.10 -0.46
C ILE A 77 -7.36 -2.52 -1.46
N SER A 78 -7.79 -2.84 -2.68
CA SER A 78 -6.86 -3.24 -3.74
C SER A 78 -6.78 -2.14 -4.78
N PHE A 79 -5.62 -1.97 -5.39
CA PHE A 79 -5.46 -0.99 -6.45
C PHE A 79 -5.31 -1.77 -7.75
N ILE A 80 -6.41 -1.90 -8.48
CA ILE A 80 -6.43 -2.62 -9.76
C ILE A 80 -5.28 -2.15 -10.65
N PHE A 81 -4.48 -3.08 -11.15
CA PHE A 81 -3.34 -2.70 -11.98
C PHE A 81 -3.71 -1.88 -13.21
N GLY A 82 -2.85 -0.91 -13.53
CA GLY A 82 -3.08 -0.04 -14.67
C GLY A 82 -2.28 -0.41 -15.89
N SER A 83 -1.49 -1.47 -15.78
CA SER A 83 -0.67 -1.94 -16.90
C SER A 83 -1.51 -2.87 -17.77
N GLN A 84 -2.61 -2.32 -18.29
CA GLN A 84 -3.55 -3.03 -19.16
C GLN A 84 -4.34 -1.92 -19.85
N SER A 85 -5.20 -2.28 -20.79
CA SER A 85 -5.97 -1.27 -21.49
C SER A 85 -6.93 -0.55 -20.56
N ILE A 86 -7.24 0.70 -20.91
CA ILE A 86 -8.15 1.52 -20.13
C ILE A 86 -9.49 0.79 -19.97
N GLU A 87 -9.95 0.22 -21.08
CA GLU A 87 -11.21 -0.51 -21.11
C GLU A 87 -11.18 -1.72 -20.18
N SER A 88 -10.08 -2.48 -20.23
CA SER A 88 -9.93 -3.67 -19.41
C SER A 88 -9.91 -3.34 -17.92
N GLN A 89 -9.14 -2.32 -17.53
CA GLN A 89 -9.03 -1.93 -16.13
C GLN A 89 -10.36 -1.36 -15.61
N ALA A 90 -11.02 -0.55 -16.42
CA ALA A 90 -12.30 0.03 -16.03
C ALA A 90 -13.33 -1.07 -15.78
N ALA A 91 -13.25 -2.14 -16.58
CA ALA A 91 -14.17 -3.26 -16.44
C ALA A 91 -14.01 -3.94 -15.08
N MET A 92 -12.77 -4.10 -14.65
CA MET A 92 -12.51 -4.73 -13.35
C MET A 92 -13.05 -3.86 -12.23
N VAL A 93 -12.83 -2.55 -12.34
CA VAL A 93 -13.30 -1.61 -11.33
C VAL A 93 -14.82 -1.71 -11.23
N HIS A 94 -15.49 -1.62 -12.39
CA HIS A 94 -16.94 -1.71 -12.45
C HIS A 94 -17.43 -3.03 -11.85
N ALA A 95 -16.75 -4.13 -12.18
CA ALA A 95 -17.13 -5.44 -11.66
C ALA A 95 -17.10 -5.48 -10.13
N VAL A 96 -16.11 -4.80 -9.54
CA VAL A 96 -15.99 -4.78 -8.09
C VAL A 96 -17.09 -3.92 -7.47
N LYS A 97 -17.29 -2.74 -8.03
CA LYS A 97 -18.30 -1.81 -7.53
C LYS A 97 -19.73 -2.34 -7.65
N ASN A 98 -19.98 -3.18 -8.65
CA ASN A 98 -21.31 -3.73 -8.84
C ASN A 98 -21.42 -5.24 -8.59
N PHE A 99 -20.56 -5.75 -7.72
CA PHE A 99 -20.55 -7.18 -7.40
C PHE A 99 -21.78 -7.67 -6.65
N LYS A 100 -22.32 -6.84 -5.76
CA LYS A 100 -23.48 -7.21 -4.97
C LYS A 100 -24.80 -7.14 -5.72
N ALA A 101 -24.78 -6.63 -6.95
CA ALA A 101 -26.00 -6.53 -7.75
C ALA A 101 -26.60 -7.90 -8.01
N GLY A 102 -27.94 -7.96 -8.08
CA GLY A 102 -28.62 -9.20 -8.34
C GLY A 102 -28.92 -9.35 -9.81
N PHE A 103 -30.10 -8.90 -10.21
CA PHE A 103 -30.49 -8.96 -11.62
C PHE A 103 -29.81 -7.81 -12.36
N VAL A 104 -28.95 -8.16 -13.32
CA VAL A 104 -28.24 -7.15 -14.09
C VAL A 104 -28.65 -7.15 -15.56
N VAL A 105 -28.79 -5.95 -16.12
CA VAL A 105 -29.17 -5.79 -17.52
C VAL A 105 -27.97 -6.11 -18.40
N SER A 106 -28.10 -7.17 -19.20
CA SER A 106 -27.03 -7.58 -20.11
C SER A 106 -26.71 -6.48 -21.11
N HIS A 222 -18.44 -8.17 8.47
CA HIS A 222 -18.38 -7.28 9.62
C HIS A 222 -17.34 -6.18 9.42
N ASN A 223 -16.21 -6.55 8.81
CA ASN A 223 -15.15 -5.58 8.56
C ASN A 223 -15.04 -5.20 7.09
N GLU A 224 -16.11 -5.41 6.32
CA GLU A 224 -16.08 -5.07 4.91
C GLU A 224 -15.88 -3.57 4.73
N LEU A 225 -15.06 -3.21 3.74
CA LEU A 225 -14.80 -1.81 3.44
C LEU A 225 -15.70 -1.44 2.28
N VAL A 226 -16.71 -0.62 2.56
CA VAL A 226 -17.66 -0.21 1.53
C VAL A 226 -17.97 1.28 1.53
N ASP A 227 -18.65 1.72 0.47
CA ASP A 227 -19.03 3.12 0.35
C ASP A 227 -20.42 3.31 0.94
N SER A 228 -20.97 4.51 0.80
CA SER A 228 -22.30 4.81 1.35
C SER A 228 -23.39 3.92 0.77
N GLN A 229 -23.13 3.31 -0.38
CA GLN A 229 -24.10 2.43 -1.03
C GLN A 229 -23.82 0.96 -0.74
N LYS A 230 -22.98 0.70 0.25
CA LYS A 230 -22.62 -0.67 0.63
C LYS A 230 -21.85 -1.43 -0.44
N ARG A 231 -21.27 -0.69 -1.38
CA ARG A 231 -20.48 -1.31 -2.45
C ARG A 231 -19.02 -1.35 -2.01
N TYR A 232 -18.34 -2.47 -2.27
CA TYR A 232 -16.94 -2.60 -1.89
C TYR A 232 -16.11 -1.48 -2.49
N LEU A 233 -15.15 -0.98 -1.72
CA LEU A 233 -14.28 0.08 -2.21
C LEU A 233 -13.19 -0.54 -3.06
N VAL A 234 -12.70 0.21 -4.05
CA VAL A 234 -11.66 -0.29 -4.91
C VAL A 234 -10.86 0.88 -5.44
N GLY A 235 -9.56 0.67 -5.61
CA GLY A 235 -8.69 1.70 -6.12
C GLY A 235 -8.19 1.27 -7.48
N ALA A 236 -7.51 2.17 -8.18
CA ALA A 236 -6.98 1.86 -9.51
C ALA A 236 -5.70 2.63 -9.76
N GLY A 237 -4.71 1.95 -10.34
CA GLY A 237 -3.46 2.60 -10.62
C GLY A 237 -3.52 3.34 -11.94
N ILE A 238 -2.80 4.46 -12.03
CA ILE A 238 -2.76 5.21 -13.28
C ILE A 238 -1.30 5.55 -13.56
N ASN A 239 -1.04 6.01 -14.77
CA ASN A 239 0.32 6.39 -15.15
C ASN A 239 0.31 7.85 -15.59
N THR A 240 1.50 8.43 -15.68
CA THR A 240 1.64 9.83 -16.06
C THR A 240 1.51 10.08 -17.56
N ARG A 241 1.14 9.05 -18.33
CA ARG A 241 1.00 9.22 -19.78
C ARG A 241 -0.40 9.33 -20.35
N ASP A 242 -1.23 8.32 -20.17
CA ASP A 242 -2.59 8.35 -20.73
C ASP A 242 -3.69 8.72 -19.74
N PHE A 243 -3.35 9.42 -18.67
CA PHE A 243 -4.34 9.80 -17.66
C PHE A 243 -5.54 10.62 -18.16
N ARG A 244 -5.34 11.47 -19.16
CA ARG A 244 -6.43 12.28 -19.67
C ARG A 244 -7.59 11.40 -20.16
N GLU A 245 -7.27 10.18 -20.57
CA GLU A 245 -8.30 9.26 -21.02
C GLU A 245 -8.59 8.19 -19.99
N ARG A 246 -7.56 7.70 -19.31
CA ARG A 246 -7.74 6.65 -18.32
C ARG A 246 -8.50 7.10 -17.07
N VAL A 247 -8.19 8.29 -16.57
CA VAL A 247 -8.86 8.80 -15.36
C VAL A 247 -10.37 8.92 -15.50
N PRO A 248 -10.86 9.61 -16.54
CA PRO A 248 -12.32 9.75 -16.70
C PRO A 248 -13.01 8.38 -16.75
N ALA A 249 -12.37 7.43 -17.42
CA ALA A 249 -12.92 6.08 -17.54
C ALA A 249 -13.00 5.39 -16.18
N LEU A 250 -11.96 5.56 -15.36
CA LEU A 250 -11.95 4.94 -14.03
C LEU A 250 -12.96 5.62 -13.12
N VAL A 251 -13.10 6.93 -13.27
CA VAL A 251 -14.04 7.69 -12.46
C VAL A 251 -15.46 7.20 -12.79
N GLU A 252 -15.75 7.07 -14.08
CA GLU A 252 -17.05 6.62 -14.54
C GLU A 252 -17.34 5.21 -14.02
N ALA A 253 -16.32 4.35 -14.05
CA ALA A 253 -16.45 2.97 -13.58
C ALA A 253 -16.74 2.88 -12.08
N GLY A 254 -16.48 3.97 -11.36
CA GLY A 254 -16.74 3.98 -9.93
C GLY A 254 -15.54 3.83 -9.01
N ALA A 255 -14.33 4.00 -9.54
CA ALA A 255 -13.14 3.88 -8.71
C ALA A 255 -13.25 4.84 -7.53
N ASP A 256 -12.93 4.36 -6.34
CA ASP A 256 -13.01 5.18 -5.13
C ASP A 256 -11.76 6.01 -4.88
N VAL A 257 -10.63 5.55 -5.41
CA VAL A 257 -9.36 6.25 -5.24
C VAL A 257 -8.40 5.81 -6.33
N LEU A 258 -7.51 6.70 -6.72
CA LEU A 258 -6.52 6.41 -7.75
C LEU A 258 -5.12 6.55 -7.15
N CYS A 259 -4.12 6.03 -7.85
CA CYS A 259 -2.74 6.14 -7.38
C CYS A 259 -1.79 6.07 -8.55
N ILE A 260 -0.93 7.07 -8.70
CA ILE A 260 0.04 7.08 -9.77
C ILE A 260 1.10 6.03 -9.41
N ASP A 261 1.32 5.09 -10.31
CA ASP A 261 2.26 4.00 -10.13
C ASP A 261 3.59 4.31 -10.83
N SER A 262 4.67 4.43 -10.05
CA SER A 262 6.00 4.74 -10.61
C SER A 262 7.19 4.40 -9.71
N SER A 263 8.32 4.02 -10.31
CA SER A 263 9.53 3.69 -9.55
C SER A 263 10.22 4.92 -9.01
N ASP A 264 9.86 6.09 -9.54
CA ASP A 264 10.44 7.35 -9.10
C ASP A 264 9.39 8.44 -9.21
N GLY A 265 8.66 8.65 -8.12
CA GLY A 265 7.60 9.65 -8.09
C GLY A 265 8.05 11.09 -7.92
N PHE A 266 9.35 11.29 -7.72
CA PHE A 266 9.89 12.64 -7.58
C PHE A 266 10.05 13.10 -9.02
N SER A 267 8.92 13.44 -9.64
CA SER A 267 8.89 13.83 -11.04
C SER A 267 7.85 14.89 -11.38
N GLU A 268 8.20 15.80 -12.27
CA GLU A 268 7.28 16.83 -12.70
C GLU A 268 6.08 16.20 -13.37
N TRP A 269 6.26 15.02 -13.94
CA TRP A 269 5.17 14.32 -14.61
C TRP A 269 4.05 13.99 -13.63
N GLN A 270 4.41 13.67 -12.38
CA GLN A 270 3.40 13.36 -11.37
C GLN A 270 2.67 14.64 -10.97
N LYS A 271 3.41 15.74 -10.86
CA LYS A 271 2.81 17.02 -10.50
C LYS A 271 1.80 17.40 -11.58
N ILE A 272 2.17 17.20 -12.84
CA ILE A 272 1.30 17.51 -13.97
C ILE A 272 0.02 16.66 -13.92
N THR A 273 0.19 15.38 -13.64
CA THR A 273 -0.95 14.47 -13.57
C THR A 273 -1.92 14.88 -12.46
N ILE A 274 -1.38 15.15 -11.28
CA ILE A 274 -2.22 15.56 -10.16
C ILE A 274 -2.90 16.89 -10.49
N GLY A 275 -2.14 17.79 -11.12
CA GLY A 275 -2.68 19.08 -11.48
C GLY A 275 -3.90 18.96 -12.41
N TRP A 276 -3.79 18.11 -13.42
CA TRP A 276 -4.87 17.90 -14.37
C TRP A 276 -6.11 17.36 -13.64
N ILE A 277 -5.88 16.43 -12.72
CA ILE A 277 -6.99 15.87 -11.95
C ILE A 277 -7.69 16.95 -11.12
N ARG A 278 -6.90 17.79 -10.45
CA ARG A 278 -7.45 18.86 -9.62
C ARG A 278 -8.24 19.88 -10.44
N GLU A 279 -7.72 20.20 -11.62
CA GLU A 279 -8.34 21.16 -12.52
C GLU A 279 -9.67 20.64 -13.04
N LYS A 280 -9.76 19.33 -13.26
CA LYS A 280 -10.96 18.71 -13.79
C LYS A 280 -11.96 18.25 -12.72
N TYR A 281 -11.44 17.77 -11.59
CA TYR A 281 -12.29 17.24 -10.54
C TYR A 281 -12.17 17.88 -9.16
N GLY A 282 -11.24 18.82 -9.00
CA GLY A 282 -11.07 19.42 -7.70
C GLY A 282 -10.63 18.36 -6.72
N ASP A 283 -11.05 18.47 -5.46
CA ASP A 283 -10.67 17.48 -4.46
C ASP A 283 -11.68 16.34 -4.35
N LYS A 284 -12.54 16.21 -5.35
CA LYS A 284 -13.56 15.16 -5.36
C LYS A 284 -13.00 13.82 -5.80
N VAL A 285 -11.88 13.85 -6.52
CA VAL A 285 -11.24 12.61 -6.96
C VAL A 285 -9.94 12.49 -6.16
N LYS A 286 -9.79 11.37 -5.46
CA LYS A 286 -8.61 11.15 -4.64
C LYS A 286 -7.51 10.43 -5.42
N VAL A 287 -6.28 10.89 -5.26
CA VAL A 287 -5.17 10.31 -5.99
C VAL A 287 -3.85 10.29 -5.21
N GLY A 288 -3.32 9.08 -4.99
CA GLY A 288 -2.06 8.95 -4.30
C GLY A 288 -0.94 9.08 -5.31
N ALA A 289 0.28 9.27 -4.83
CA ALA A 289 1.43 9.42 -5.72
C ALA A 289 2.66 8.78 -5.10
N GLY A 290 3.66 8.51 -5.94
CA GLY A 290 4.89 7.90 -5.47
C GLY A 290 5.59 7.18 -6.62
N ASN A 291 6.68 6.48 -6.34
CA ASN A 291 7.24 6.33 -4.99
C ASN A 291 8.40 7.25 -4.70
N ILE A 292 8.55 7.60 -3.43
CA ILE A 292 9.66 8.44 -2.98
C ILE A 292 10.30 7.79 -1.76
N VAL A 293 11.49 8.25 -1.37
CA VAL A 293 12.17 7.66 -0.21
C VAL A 293 12.75 8.67 0.76
N ASP A 294 12.51 9.96 0.55
CA ASP A 294 13.04 10.96 1.45
C ASP A 294 12.10 12.15 1.61
N GLY A 295 12.44 13.03 2.55
CA GLY A 295 11.62 14.19 2.80
C GLY A 295 11.41 15.09 1.60
N GLU A 296 12.46 15.31 0.81
CA GLU A 296 12.36 16.16 -0.38
C GLU A 296 11.31 15.64 -1.34
N GLY A 297 11.32 14.33 -1.58
CA GLY A 297 10.36 13.72 -2.48
C GLY A 297 8.94 13.84 -1.93
N PHE A 298 8.80 13.57 -0.63
CA PHE A 298 7.50 13.67 0.02
C PHE A 298 6.95 15.09 -0.15
N ARG A 299 7.77 16.06 0.23
CA ARG A 299 7.42 17.47 0.17
C ARG A 299 6.97 17.90 -1.22
N TYR A 300 7.66 17.42 -2.25
CA TYR A 300 7.30 17.77 -3.61
C TYR A 300 5.91 17.27 -3.98
N LEU A 301 5.62 16.01 -3.68
CA LEU A 301 4.31 15.45 -4.00
C LEU A 301 3.21 16.02 -3.10
N ALA A 302 3.58 16.39 -1.88
CA ALA A 302 2.59 16.97 -0.95
C ALA A 302 2.14 18.32 -1.51
N ASP A 303 3.10 19.15 -1.90
CA ASP A 303 2.80 20.46 -2.46
C ASP A 303 2.08 20.31 -3.80
N ALA A 304 2.32 19.20 -4.49
CA ALA A 304 1.69 18.95 -5.77
C ALA A 304 0.21 18.61 -5.59
N GLY A 305 -0.18 18.22 -4.38
CA GLY A 305 -1.57 17.91 -4.12
C GLY A 305 -1.95 16.45 -3.87
N ALA A 306 -0.98 15.57 -3.80
CA ALA A 306 -1.25 14.15 -3.58
C ALA A 306 -2.08 13.92 -2.31
N ASP A 307 -3.01 12.96 -2.37
CA ASP A 307 -3.85 12.64 -1.22
C ASP A 307 -3.17 11.68 -0.24
N PHE A 308 -2.21 10.93 -0.75
CA PHE A 308 -1.40 10.04 0.07
C PHE A 308 -0.13 9.78 -0.73
N ILE A 309 0.96 9.51 -0.03
CA ILE A 309 2.23 9.30 -0.69
C ILE A 309 2.83 7.94 -0.37
N LYS A 310 3.22 7.21 -1.43
CA LYS A 310 3.81 5.89 -1.29
C LYS A 310 5.32 5.93 -1.15
N ILE A 311 5.83 5.18 -0.19
CA ILE A 311 7.26 5.15 0.12
C ILE A 311 7.93 3.83 -0.27
N GLY A 312 9.06 3.92 -0.95
CA GLY A 312 9.77 2.72 -1.30
C GLY A 312 10.32 2.56 -2.70
N ILE A 313 11.63 2.39 -2.80
CA ILE A 313 12.28 2.17 -4.08
C ILE A 313 13.35 1.10 -3.89
N GLY A 314 13.24 0.00 -4.62
CA GLY A 314 14.22 -1.07 -4.54
C GLY A 314 14.11 -2.01 -3.35
N GLY A 315 13.07 -1.86 -2.54
CA GLY A 315 12.90 -2.72 -1.38
C GLY A 315 11.95 -3.89 -1.59
N GLY A 316 11.30 -3.94 -2.75
CA GLY A 316 10.38 -5.03 -3.03
C GLY A 316 11.05 -6.37 -3.16
N SER A 317 10.34 -7.44 -2.81
CA SER A 317 10.87 -8.79 -2.89
C SER A 317 11.29 -9.13 -4.31
N ILE A 318 10.67 -8.46 -5.28
CA ILE A 318 10.97 -8.67 -6.69
C ILE A 318 12.45 -8.39 -6.95
N ILE A 320 14.92 -9.12 -5.21
CA ILE A 320 15.79 -10.20 -4.75
C ILE A 320 16.42 -10.93 -5.93
N THR A 321 15.65 -11.10 -7.00
CA THR A 321 16.13 -11.78 -8.19
C THR A 321 16.29 -10.83 -9.38
N ARG A 322 17.11 -9.81 -9.19
CA ARG A 322 17.37 -8.81 -10.22
C ARG A 322 18.51 -7.90 -9.74
N GLU A 323 19.10 -7.17 -10.67
CA GLU A 323 20.21 -6.28 -10.32
C GLU A 323 19.74 -4.87 -10.00
N GLN A 324 20.48 -4.21 -9.11
CA GLN A 324 20.17 -2.84 -8.70
C GLN A 324 20.22 -1.85 -9.85
N LYS A 325 19.24 -0.95 -9.88
CA LYS A 325 19.18 0.08 -10.91
C LYS A 325 20.08 1.23 -10.48
N GLY A 326 20.48 1.21 -9.21
CA GLY A 326 21.35 2.27 -8.72
C GLY A 326 20.65 3.26 -7.80
N ILE A 327 19.33 3.28 -7.84
CA ILE A 327 18.55 4.18 -6.99
C ILE A 327 17.78 3.39 -5.94
N GLY A 328 17.67 3.95 -4.75
CA GLY A 328 16.95 3.27 -3.70
C GLY A 328 17.37 3.67 -2.31
N ARG A 329 16.80 3.00 -1.31
CA ARG A 329 17.11 3.29 0.07
C ARG A 329 16.49 2.20 0.94
N GLY A 330 17.16 1.82 2.02
CA GLY A 330 16.60 0.82 2.92
C GLY A 330 15.17 1.25 3.25
N GLN A 331 14.23 0.31 3.18
CA GLN A 331 12.82 0.62 3.44
C GLN A 331 12.53 1.25 4.80
N ALA A 332 13.17 0.75 5.86
CA ALA A 332 12.95 1.28 7.20
C ALA A 332 13.39 2.73 7.28
N THR A 333 14.61 3.02 6.80
CA THR A 333 15.13 4.37 6.82
C THR A 333 14.24 5.31 5.99
N ALA A 334 13.76 4.82 4.86
CA ALA A 334 12.90 5.60 3.99
C ALA A 334 11.61 6.01 4.72
N VAL A 335 10.97 5.05 5.37
CA VAL A 335 9.73 5.33 6.09
C VAL A 335 9.98 6.32 7.22
N ILE A 336 11.00 6.06 8.03
CA ILE A 336 11.33 6.93 9.15
C ILE A 336 11.59 8.37 8.71
N ASP A 337 12.37 8.53 7.64
CA ASP A 337 12.69 9.86 7.12
C ASP A 337 11.45 10.57 6.57
N VAL A 338 10.68 9.86 5.74
CA VAL A 338 9.48 10.44 5.16
C VAL A 338 8.46 10.81 6.24
N VAL A 339 8.29 9.92 7.22
CA VAL A 339 7.35 10.17 8.31
C VAL A 339 7.73 11.43 9.09
N ALA A 340 9.03 11.64 9.29
CA ALA A 340 9.49 12.83 10.02
C ALA A 340 9.12 14.08 9.21
N GLU A 341 9.29 14.01 7.90
CA GLU A 341 8.98 15.14 7.03
C GLU A 341 7.46 15.37 6.99
N ARG A 342 6.71 14.26 7.01
CA ARG A 342 5.25 14.34 6.98
C ARG A 342 4.73 14.99 8.25
N ASN A 343 5.34 14.67 9.39
CA ASN A 343 4.91 15.25 10.66
C ASN A 343 5.27 16.73 10.70
N LYS A 344 6.42 17.08 10.10
CA LYS A 344 6.86 18.46 10.05
C LYS A 344 5.89 19.24 9.17
N TYR A 345 5.51 18.62 8.05
CA TYR A 345 4.58 19.23 7.10
C TYR A 345 3.23 19.48 7.77
N PHE A 346 2.79 18.53 8.59
CA PHE A 346 1.52 18.65 9.30
C PHE A 346 1.56 19.85 10.26
N GLU A 347 2.69 20.00 10.96
CA GLU A 347 2.86 21.10 11.89
C GLU A 347 2.89 22.46 11.20
N GLU A 348 3.44 22.50 9.98
CA GLU A 348 3.53 23.76 9.25
C GLU A 348 2.25 24.16 8.53
N THR A 349 1.53 23.18 7.99
CA THR A 349 0.33 23.45 7.23
C THR A 349 -1.01 23.01 7.83
N GLY A 350 -0.96 22.13 8.83
CA GLY A 350 -2.20 21.65 9.40
C GLY A 350 -2.78 20.53 8.53
N ILE A 351 -2.06 20.15 7.47
CA ILE A 351 -2.53 19.09 6.58
C ILE A 351 -1.84 17.77 6.92
N TYR A 352 -2.64 16.73 7.15
CA TYR A 352 -2.08 15.42 7.46
C TYR A 352 -2.18 14.55 6.22
N ILE A 353 -1.03 14.15 5.69
CA ILE A 353 -0.98 13.30 4.51
C ILE A 353 -0.60 11.86 4.88
N PRO A 354 -1.52 10.91 4.69
CA PRO A 354 -1.19 9.52 5.02
C PRO A 354 -0.06 9.03 4.13
N VAL A 355 0.81 8.19 4.65
CA VAL A 355 1.90 7.66 3.83
C VAL A 355 1.79 6.14 3.82
N CYS A 356 2.23 5.54 2.72
CA CYS A 356 2.17 4.10 2.57
C CYS A 356 3.54 3.46 2.42
N SER A 357 3.83 2.47 3.26
CA SER A 357 5.10 1.75 3.16
C SER A 357 4.86 0.69 2.09
N ASP A 358 5.51 0.86 0.94
CA ASP A 358 5.33 -0.05 -0.17
C ASP A 358 6.50 -0.98 -0.43
N GLY A 359 6.28 -2.27 -0.21
CA GLY A 359 7.29 -3.28 -0.43
C GLY A 359 8.21 -3.58 0.75
N GLY A 360 8.90 -4.71 0.68
CA GLY A 360 9.81 -5.06 1.76
C GLY A 360 9.24 -5.82 2.93
N ILE A 361 7.94 -6.09 2.92
CA ILE A 361 7.35 -6.85 4.02
C ILE A 361 7.64 -8.33 3.78
N VAL A 362 8.52 -8.90 4.59
CA VAL A 362 8.88 -10.30 4.45
C VAL A 362 8.15 -11.16 5.48
N TYR A 363 8.12 -10.68 6.72
CA TYR A 363 7.46 -11.40 7.82
C TYR A 363 6.35 -10.56 8.42
N ASP A 364 5.41 -11.20 9.10
CA ASP A 364 4.30 -10.46 9.71
C ASP A 364 4.75 -9.33 10.64
N TYR A 365 5.79 -9.57 11.42
CA TYR A 365 6.26 -8.54 12.34
C TYR A 365 6.78 -7.29 11.63
N HIS A 366 7.07 -7.41 10.34
CA HIS A 366 7.54 -6.27 9.57
C HIS A 366 6.38 -5.29 9.42
N MET A 367 5.16 -5.84 9.41
CA MET A 367 3.95 -5.02 9.30
C MET A 367 3.86 -4.11 10.51
N THR A 368 4.03 -4.70 11.69
CA THR A 368 3.97 -3.95 12.95
C THR A 368 5.05 -2.88 12.97
N LEU A 369 6.24 -3.22 12.51
CA LEU A 369 7.36 -2.27 12.47
C LEU A 369 7.05 -1.08 11.56
N ALA A 370 6.56 -1.36 10.35
CA ALA A 370 6.25 -0.32 9.38
C ALA A 370 5.23 0.65 9.98
N LEU A 371 4.20 0.10 10.61
CA LEU A 371 3.17 0.91 11.23
C LEU A 371 3.76 1.71 12.39
N ALA A 372 4.55 1.06 13.24
CA ALA A 372 5.17 1.72 14.38
C ALA A 372 6.06 2.89 13.97
N MET A 373 6.76 2.74 12.84
CA MET A 373 7.63 3.78 12.33
C MET A 373 6.86 4.97 11.76
N GLY A 374 5.54 4.86 11.66
CA GLY A 374 4.75 5.97 11.16
C GLY A 374 3.93 5.77 9.90
N ALA A 375 4.14 4.67 9.18
CA ALA A 375 3.35 4.43 7.98
C ALA A 375 1.91 4.21 8.41
N ASP A 376 0.96 4.81 7.68
CA ASP A 376 -0.46 4.66 8.00
C ASP A 376 -1.00 3.33 7.46
N PHE A 377 -0.50 2.92 6.29
CA PHE A 377 -0.90 1.64 5.73
C PHE A 377 0.25 1.03 4.96
N ILE A 378 0.08 -0.23 4.59
CA ILE A 378 1.11 -1.00 3.92
C ILE A 378 0.67 -1.59 2.59
N MET A 379 1.52 -1.47 1.58
CA MET A 379 1.22 -2.06 0.26
C MET A 379 2.10 -3.29 0.10
N LEU A 380 1.49 -4.41 -0.28
CA LEU A 380 2.23 -5.66 -0.44
C LEU A 380 1.89 -6.36 -1.75
N GLY A 381 2.90 -6.98 -2.35
CA GLY A 381 2.69 -7.71 -3.58
C GLY A 381 2.79 -9.21 -3.36
N ARG A 382 3.98 -9.66 -3.00
CA ARG A 382 4.26 -11.06 -2.75
C ARG A 382 3.27 -11.69 -1.76
N TYR A 383 3.01 -10.98 -0.67
CA TYR A 383 2.09 -11.45 0.37
C TYR A 383 0.74 -11.90 -0.20
N PHE A 384 0.17 -11.08 -1.07
CA PHE A 384 -1.13 -11.37 -1.66
C PHE A 384 -1.06 -12.27 -2.89
N ALA A 385 0.09 -12.28 -3.57
CA ALA A 385 0.25 -13.12 -4.75
C ALA A 385 0.07 -14.60 -4.42
N ARG A 386 0.40 -14.97 -3.18
CA ARG A 386 0.29 -16.35 -2.70
C ARG A 386 -1.13 -16.87 -2.56
N PHE A 387 -2.11 -15.96 -2.50
CA PHE A 387 -3.48 -16.37 -2.30
C PHE A 387 -4.27 -16.83 -3.51
N GLU A 388 -5.28 -17.64 -3.24
CA GLU A 388 -6.17 -18.21 -4.24
C GLU A 388 -6.77 -17.11 -5.12
N GLU A 389 -7.06 -15.97 -4.50
CA GLU A 389 -7.67 -14.86 -5.22
C GLU A 389 -6.76 -14.04 -6.15
N SER A 390 -5.46 -14.27 -6.11
CA SER A 390 -4.59 -13.52 -7.01
C SER A 390 -4.95 -13.99 -8.43
N PRO A 391 -4.85 -13.11 -9.44
CA PRO A 391 -5.17 -13.41 -10.83
C PRO A 391 -4.17 -14.24 -11.64
N THR A 392 -3.28 -14.97 -10.96
CA THR A 392 -2.30 -15.77 -11.68
C THR A 392 -2.64 -17.25 -11.61
N ARG A 393 -1.95 -18.04 -12.42
CA ARG A 393 -2.18 -19.48 -12.45
C ARG A 393 -1.60 -20.19 -11.26
N LYS A 394 -2.36 -21.15 -10.74
CA LYS A 394 -1.90 -21.96 -9.62
C LYS A 394 -1.21 -23.13 -10.29
N VAL A 395 0.11 -23.23 -10.11
CA VAL A 395 0.87 -24.32 -10.74
C VAL A 395 1.48 -25.23 -9.69
N THR A 396 1.46 -26.53 -9.97
CA THR A 396 2.02 -27.51 -9.05
C THR A 396 3.32 -28.07 -9.61
N ILE A 397 4.40 -27.82 -8.89
CA ILE A 397 5.72 -28.29 -9.32
C ILE A 397 6.32 -29.25 -8.29
N ASN A 398 6.32 -30.54 -8.63
CA ASN A 398 6.87 -31.56 -7.75
C ASN A 398 6.17 -31.63 -6.39
N GLY A 399 4.85 -31.61 -6.41
CA GLY A 399 4.10 -31.68 -5.16
C GLY A 399 3.92 -30.35 -4.44
N SER A 400 4.54 -29.30 -4.96
CA SER A 400 4.42 -27.99 -4.33
C SER A 400 3.56 -27.05 -5.15
N VAL A 401 2.41 -26.69 -4.59
CA VAL A 401 1.49 -25.79 -5.26
C VAL A 401 2.06 -24.38 -5.12
N MET A 402 2.28 -23.73 -6.25
CA MET A 402 2.83 -22.37 -6.27
C MET A 402 1.92 -21.46 -7.09
N LYS A 403 2.21 -20.17 -7.04
CA LYS A 403 1.48 -19.17 -7.80
C LYS A 403 2.54 -18.30 -8.46
N GLU A 404 2.23 -17.77 -9.64
CA GLU A 404 3.16 -16.94 -10.37
C GLU A 404 3.25 -15.55 -9.77
N TYR A 405 4.42 -14.92 -9.90
CA TYR A 405 4.65 -13.58 -9.40
C TYR A 405 5.75 -12.93 -10.21
N TRP A 406 5.44 -11.80 -10.83
CA TRP A 406 6.42 -11.09 -11.63
C TRP A 406 6.32 -9.59 -11.42
N GLY A 407 7.47 -8.91 -11.52
CA GLY A 407 7.49 -7.47 -11.33
C GLY A 407 6.86 -6.70 -12.48
N GLU A 408 6.41 -5.49 -12.20
CA GLU A 408 5.81 -4.64 -13.22
C GLU A 408 6.88 -4.11 -14.18
N GLY A 409 8.14 -4.25 -13.78
CA GLY A 409 9.23 -3.79 -14.60
C GLY A 409 9.74 -4.86 -15.55
N SER A 410 9.26 -6.08 -15.40
CA SER A 410 9.68 -7.18 -16.25
C SER A 410 9.08 -7.02 -17.65
N SER A 411 9.79 -7.52 -18.66
CA SER A 411 9.30 -7.42 -20.03
C SER A 411 7.96 -8.13 -20.13
N ARG A 412 7.77 -9.15 -19.30
CA ARG A 412 6.52 -9.91 -19.30
C ARG A 412 5.34 -9.04 -18.89
N ALA A 413 5.61 -8.02 -18.07
CA ALA A 413 4.56 -7.11 -17.61
C ALA A 413 4.24 -6.02 -18.60
N ARG A 414 5.24 -5.18 -18.91
CA ARG A 414 5.03 -4.09 -19.84
C ARG A 414 5.31 -4.52 -21.28
N ASN A 415 4.25 -4.61 -22.06
CA ASN A 415 4.35 -5.01 -23.47
C ASN A 415 2.94 -4.92 -24.07
N TRP A 416 2.00 -4.37 -23.30
CA TRP A 416 0.63 -4.21 -23.74
C TRP A 416 0.49 -2.93 -24.55
N GLU A 430 15.86 -2.87 -20.02
CA GLU A 430 14.81 -2.78 -19.01
C GLU A 430 15.05 -3.79 -17.90
N GLU A 431 14.18 -3.77 -16.89
CA GLU A 431 14.30 -4.70 -15.78
C GLU A 431 13.56 -5.99 -16.11
N GLY A 432 13.45 -6.89 -15.14
CA GLY A 432 12.76 -8.14 -15.38
C GLY A 432 12.91 -9.16 -14.27
N VAL A 433 11.78 -9.54 -13.67
CA VAL A 433 11.79 -10.52 -12.58
C VAL A 433 10.53 -11.37 -12.64
N ASP A 434 10.71 -12.68 -12.80
CA ASP A 434 9.60 -13.62 -12.87
C ASP A 434 9.90 -14.77 -11.92
N SER A 435 8.94 -15.12 -11.06
CA SER A 435 9.15 -16.20 -10.11
C SER A 435 7.88 -16.84 -9.60
N TYR A 436 8.04 -17.71 -8.60
CA TYR A 436 6.91 -18.42 -7.99
C TYR A 436 6.90 -18.18 -6.49
N VAL A 437 5.70 -18.21 -5.90
CA VAL A 437 5.54 -18.03 -4.47
C VAL A 437 4.70 -19.19 -3.96
N PRO A 438 5.00 -19.70 -2.76
CA PRO A 438 4.23 -20.82 -2.23
C PRO A 438 2.76 -20.48 -2.01
N TYR A 439 1.89 -21.39 -2.45
CA TYR A 439 0.44 -21.22 -2.30
C TYR A 439 0.10 -21.16 -0.82
N ALA A 440 -0.80 -20.24 -0.45
CA ALA A 440 -1.16 -20.10 0.95
C ALA A 440 -2.65 -20.28 1.20
N GLY A 441 -3.42 -20.48 0.13
CA GLY A 441 -4.85 -20.66 0.29
C GLY A 441 -5.62 -19.35 0.19
N LYS A 442 -6.78 -19.31 0.85
CA LYS A 442 -7.66 -18.14 0.85
C LYS A 442 -7.06 -16.94 1.56
N LEU A 443 -7.30 -15.75 1.02
CA LEU A 443 -6.80 -14.51 1.61
C LEU A 443 -7.28 -14.35 3.05
N LYS A 444 -8.58 -14.58 3.27
CA LYS A 444 -9.20 -14.42 4.57
C LYS A 444 -8.45 -15.01 5.77
N ASP A 445 -8.19 -16.31 5.74
CA ASP A 445 -7.51 -16.98 6.83
C ASP A 445 -6.09 -16.49 7.08
N ASN A 446 -5.39 -16.14 6.02
CA ASN A 446 -4.01 -15.68 6.12
C ASN A 446 -3.92 -14.28 6.73
N VAL A 447 -4.80 -13.38 6.29
CA VAL A 447 -4.82 -12.02 6.81
C VAL A 447 -5.21 -12.02 8.28
N GLU A 448 -6.21 -12.82 8.62
CA GLU A 448 -6.66 -12.91 10.00
C GLU A 448 -5.50 -13.34 10.91
N ALA A 449 -4.73 -14.33 10.46
CA ALA A 449 -3.59 -14.82 11.25
C ALA A 449 -2.50 -13.75 11.35
N SER A 450 -2.19 -13.11 10.23
CA SER A 450 -1.17 -12.06 10.24
C SER A 450 -1.55 -10.93 11.19
N LEU A 451 -2.76 -10.41 11.04
CA LEU A 451 -3.22 -9.31 11.87
C LEU A 451 -3.40 -9.67 13.35
N ASN A 452 -3.66 -10.94 13.64
CA ASN A 452 -3.79 -11.35 15.03
C ASN A 452 -2.42 -11.19 15.70
N LYS A 453 -1.37 -11.46 14.94
CA LYS A 453 -0.01 -11.34 15.44
C LYS A 453 0.34 -9.86 15.60
N VAL A 454 -0.07 -9.04 14.64
CA VAL A 454 0.18 -7.61 14.70
C VAL A 454 -0.50 -7.03 15.94
N LYS A 455 -1.76 -7.40 16.15
CA LYS A 455 -2.52 -6.90 17.30
C LYS A 455 -1.92 -7.34 18.63
N SER A 456 -1.45 -8.58 18.68
CA SER A 456 -0.85 -9.11 19.90
C SER A 456 0.42 -8.30 20.22
N THR A 457 1.23 -8.05 19.19
CA THR A 457 2.45 -7.29 19.38
C THR A 457 2.11 -5.85 19.80
N MET A 458 1.05 -5.30 19.22
CA MET A 458 0.63 -3.95 19.57
C MET A 458 0.31 -3.90 21.06
N CYS A 459 -0.33 -4.95 21.58
CA CYS A 459 -0.65 -4.98 23.01
C CYS A 459 0.62 -5.10 23.85
N ASN A 460 1.65 -5.76 23.31
CA ASN A 460 2.92 -5.88 24.02
C ASN A 460 3.49 -4.46 24.15
N CYS A 461 3.24 -3.64 23.13
CA CYS A 461 3.75 -2.28 23.10
C CYS A 461 2.84 -1.27 23.80
N GLY A 462 1.72 -1.76 24.33
CA GLY A 462 0.78 -0.89 25.02
C GLY A 462 -0.11 -0.05 24.12
N ALA A 463 -0.40 -0.55 22.91
CA ALA A 463 -1.22 0.20 21.96
C ALA A 463 -2.48 -0.53 21.51
N LEU A 464 -3.59 0.20 21.54
CA LEU A 464 -4.88 -0.32 21.12
C LEU A 464 -5.25 0.17 19.72
N THR A 465 -4.46 1.11 19.19
CA THR A 465 -4.71 1.65 17.86
C THR A 465 -3.38 1.92 17.18
N ILE A 466 -3.43 2.16 15.88
CA ILE A 466 -2.20 2.45 15.14
C ILE A 466 -1.61 3.79 15.57
N PRO A 467 -2.45 4.83 15.74
CA PRO A 467 -1.86 6.10 16.16
C PRO A 467 -1.20 5.99 17.54
N GLN A 468 -1.80 5.22 18.44
CA GLN A 468 -1.21 5.08 19.76
C GLN A 468 0.13 4.33 19.65
N LEU A 469 0.19 3.34 18.76
CA LEU A 469 1.43 2.59 18.56
C LEU A 469 2.53 3.51 18.03
N GLN A 470 2.16 4.37 17.08
CA GLN A 470 3.11 5.29 16.48
C GLN A 470 3.67 6.27 17.50
N SER A 471 2.87 6.55 18.53
CA SER A 471 3.28 7.46 19.58
C SER A 471 4.11 6.76 20.66
N LYS A 472 3.72 5.55 21.03
CA LYS A 472 4.39 4.81 22.11
C LYS A 472 5.51 3.85 21.73
N ALA A 473 5.57 3.44 20.47
CA ALA A 473 6.58 2.47 20.04
C ALA A 473 8.02 2.79 20.40
N LYS A 474 8.72 1.75 20.88
CA LYS A 474 10.14 1.85 21.22
C LYS A 474 10.81 0.93 20.22
N ILE A 475 11.57 1.51 19.31
CA ILE A 475 12.20 0.74 18.24
C ILE A 475 13.72 0.69 18.30
N THR A 476 14.26 -0.52 18.39
CA THR A 476 15.70 -0.67 18.46
C THR A 476 16.28 -1.34 17.21
N LEU A 477 17.48 -0.91 16.84
CA LEU A 477 18.18 -1.47 15.70
C LEU A 477 18.91 -2.70 16.27
N VAL A 478 19.07 -3.74 15.47
CA VAL A 478 19.76 -4.95 15.92
C VAL A 478 21.11 -5.04 15.22
N SER A 479 22.09 -5.64 15.89
CA SER A 479 23.43 -5.77 15.30
C SER A 479 23.44 -6.77 14.15
N SER A 480 24.30 -6.51 13.16
CA SER A 480 24.41 -7.39 12.01
C SER A 480 24.91 -8.77 12.40
N VAL A 481 25.64 -8.84 13.52
CA VAL A 481 26.17 -10.09 14.02
C VAL A 481 25.07 -11.03 14.49
N SER A 482 24.07 -10.46 15.17
CA SER A 482 22.94 -11.23 15.67
C SER A 482 22.01 -11.66 14.55
N ILE A 483 22.22 -11.10 13.36
CA ILE A 483 21.41 -11.43 12.20
C ILE A 483 22.13 -12.47 11.34
#